data_8XS1
#
_entry.id   8XS1
#
_cell.length_a   43.880
_cell.length_b   67.489
_cell.length_c   138.655
_cell.angle_alpha   90.00
_cell.angle_beta   90.00
_cell.angle_gamma   90.00
#
_symmetry.space_group_name_H-M   'P 21 21 21'
#
loop_
_entity.id
_entity.type
_entity.pdbx_description
1 polymer 'Heavy chain fragment (Fd) chain of anti-osteocalcin antibody KTM219'
2 polymer 'Light chain of anti-osteocalcin antibody KTM219'
3 polymer Osteocalcin
4 water water
#
loop_
_entity_poly.entity_id
_entity_poly.type
_entity_poly.pdbx_seq_one_letter_code
_entity_poly.pdbx_strand_id
1 'polypeptide(L)'
;MATGQVKLQQSGAEFVKAGASVKLSCKTSGYTFNNYWIHWVKQSPGQGLEWIGEIDPSDGYSNYNQKFKGKATLTVDKSS
STAYMHLNSLTSEDSAVYYCTSSTSVGGSWGQGTTVTVSSASTKGPSVFPLAPSSKSTSGGTAALGCLVKDYFPEPVTVS
WNSGALTSGVHTFPAVLQSSGLYSLSSVVTVPSSSLGTQTYICNVNHKPSNTKVDKKVEPKSASAAHHHHHHGAAEQKLI
SEEDLNGAA
;
H
2 'polypeptide(L)'
;MSDIELTQSPLSLPVSLGDQASISCTSSQSLLHSNGDTYLHWYLQKPGQSPKLLIYTLSNRFSGVPDRFSGSGSGTDFTL
KISRVEAADLGIYFCSQTTHVPYTFGGGTKLEIKRADAAPSVFIFPPSDEQLKSGTASVVCLLNNFYPREAKVQWKVDNA
LQSGNSQESVTEQDSKDSTYSLSSTLTLSKADYEKHKVYACEVTHQGLSSPVTKSFNRGEGGGSDYKDDDDK
;
L
3 'polypeptide(L)' RRFYGPV A
#
# COMPACT_ATOMS: atom_id res chain seq x y z
N LYS A 7 11.28 -6.18 -22.10
CA LYS A 7 10.21 -5.73 -23.05
C LYS A 7 8.95 -6.60 -22.90
N LEU A 8 8.12 -6.21 -21.92
CA LEU A 8 6.85 -6.86 -21.66
C LEU A 8 5.79 -5.80 -21.71
N GLN A 9 4.57 -6.18 -22.07
CA GLN A 9 3.48 -5.22 -22.27
C GLN A 9 2.12 -5.84 -21.92
N GLN A 10 1.52 -5.37 -20.83
CA GLN A 10 0.29 -5.95 -20.28
C GLN A 10 -0.97 -5.16 -20.60
N SER A 11 -2.08 -5.88 -20.80
CA SER A 11 -3.35 -5.27 -21.17
C SER A 11 -3.91 -4.35 -20.08
N GLY A 12 -4.84 -3.50 -20.52
CA GLY A 12 -5.36 -2.40 -19.70
C GLY A 12 -6.23 -2.88 -18.55
N ALA A 13 -6.52 -1.96 -17.61
CA ALA A 13 -7.35 -2.25 -16.45
C ALA A 13 -8.73 -2.76 -16.89
N GLU A 14 -9.25 -3.70 -16.12
CA GLU A 14 -10.55 -4.31 -16.31
C GLU A 14 -11.41 -3.97 -15.08
N PHE A 15 -12.66 -3.61 -15.34
CA PHE A 15 -13.66 -3.33 -14.29
C PHE A 15 -14.86 -4.18 -14.68
N VAL A 16 -15.13 -5.20 -13.87
CA VAL A 16 -16.02 -6.28 -14.28
C VAL A 16 -17.03 -6.69 -13.23
N LYS A 17 -18.14 -7.26 -13.71
CA LYS A 17 -19.17 -7.83 -12.82
C LYS A 17 -18.69 -9.16 -12.28
N ALA A 18 -19.23 -9.52 -11.14
CA ALA A 18 -19.07 -10.85 -10.59
C ALA A 18 -19.74 -11.88 -11.50
N GLY A 19 -19.09 -13.03 -11.67
CA GLY A 19 -19.51 -14.03 -12.65
C GLY A 19 -18.94 -13.85 -14.04
N ALA A 20 -18.18 -12.77 -14.25
CA ALA A 20 -17.56 -12.51 -15.53
C ALA A 20 -16.34 -13.38 -15.71
N SER A 21 -15.89 -13.35 -16.97
CA SER A 21 -14.66 -13.89 -17.45
C SER A 21 -13.92 -12.74 -18.11
N VAL A 22 -12.60 -12.74 -17.97
CA VAL A 22 -11.74 -11.77 -18.65
C VAL A 22 -10.45 -12.46 -19.03
N LYS A 23 -10.00 -12.13 -20.23
CA LYS A 23 -8.75 -12.60 -20.71
C LYS A 23 -7.78 -11.44 -20.56
N LEU A 24 -6.71 -11.60 -19.78
CA LEU A 24 -5.65 -10.59 -19.69
C LEU A 24 -4.55 -11.03 -20.62
N SER A 25 -3.81 -10.07 -21.16
CA SER A 25 -2.81 -10.34 -22.18
C SER A 25 -1.47 -9.76 -21.83
N CYS A 26 -0.45 -10.27 -22.48
CA CYS A 26 0.92 -9.84 -22.21
C CYS A 26 1.77 -10.02 -23.45
N LYS A 27 2.08 -8.88 -24.09
CA LYS A 27 2.90 -8.82 -25.30
C LYS A 27 4.38 -8.74 -24.97
N THR A 28 5.15 -9.64 -25.55
CA THR A 28 6.61 -9.71 -25.38
C THR A 28 7.33 -9.65 -26.74
N SER A 29 8.66 -9.85 -26.74
CA SER A 29 9.43 -9.96 -27.99
C SER A 29 9.38 -11.39 -28.55
N GLY A 30 9.74 -11.54 -29.82
CA GLY A 30 9.92 -12.86 -30.43
C GLY A 30 11.08 -13.65 -29.82
N TYR A 31 12.07 -12.94 -29.28
CA TYR A 31 13.19 -13.59 -28.61
C TYR A 31 12.80 -14.16 -27.24
N THR A 32 12.15 -13.31 -26.45
CA THR A 32 11.58 -13.68 -25.16
C THR A 32 10.79 -14.98 -25.24
N PHE A 33 9.85 -15.01 -26.18
CA PHE A 33 8.88 -16.11 -26.28
C PHE A 33 9.57 -17.44 -26.52
N ASN A 34 10.60 -17.38 -27.35
CA ASN A 34 11.37 -18.55 -27.70
C ASN A 34 12.20 -19.08 -26.54
N ASN A 35 12.81 -18.17 -25.79
CA ASN A 35 13.78 -18.55 -24.75
C ASN A 35 13.22 -18.71 -23.34
N TYR A 36 12.40 -17.76 -22.91
CA TYR A 36 11.91 -17.65 -21.53
C TYR A 36 10.64 -18.47 -21.29
N TRP A 37 10.45 -18.90 -20.04
CA TRP A 37 9.12 -19.34 -19.60
C TRP A 37 8.33 -18.14 -19.15
N ILE A 38 7.01 -18.32 -19.14
CA ILE A 38 6.05 -17.29 -18.76
C ILE A 38 5.30 -17.76 -17.53
N HIS A 39 5.14 -16.83 -16.57
CA HIS A 39 4.47 -17.07 -15.29
C HIS A 39 3.46 -16.00 -15.10
N TRP A 40 2.46 -16.30 -14.28
CA TRP A 40 1.49 -15.31 -13.90
C TRP A 40 1.47 -15.24 -12.40
N VAL A 41 1.31 -14.03 -11.87
CA VAL A 41 1.40 -13.80 -10.43
C VAL A 41 0.32 -12.82 -10.03
N LYS A 42 -0.25 -13.06 -8.85
CA LYS A 42 -1.31 -12.23 -8.30
C LYS A 42 -0.87 -11.49 -7.04
N GLN A 43 -1.20 -10.19 -7.01
CA GLN A 43 -0.98 -9.33 -5.81
C GLN A 43 -2.28 -8.68 -5.42
N SER A 44 -2.70 -8.99 -4.20
CA SER A 44 -3.98 -8.58 -3.66
C SER A 44 -3.77 -8.21 -2.20
N PRO A 45 -4.59 -7.28 -1.69
CA PRO A 45 -4.35 -6.79 -0.33
C PRO A 45 -4.74 -7.82 0.71
N GLY A 46 -5.72 -8.66 0.38
CA GLY A 46 -6.11 -9.75 1.25
C GLY A 46 -5.05 -10.83 1.30
N GLN A 47 -4.63 -11.32 0.13
CA GLN A 47 -3.74 -12.49 0.08
C GLN A 47 -2.28 -12.29 -0.31
N GLY A 48 -1.84 -11.04 -0.50
CA GLY A 48 -0.43 -10.78 -0.82
C GLY A 48 -0.07 -11.35 -2.20
N LEU A 49 1.17 -11.80 -2.34
CA LEU A 49 1.68 -12.31 -3.59
C LEU A 49 1.46 -13.82 -3.71
N GLU A 50 0.90 -14.21 -4.86
CA GLU A 50 0.58 -15.57 -5.15
C GLU A 50 0.95 -15.98 -6.56
N TRP A 51 1.55 -17.16 -6.68
CA TRP A 51 1.83 -17.76 -7.98
C TRP A 51 0.60 -18.47 -8.54
N ILE A 52 0.19 -18.09 -9.74
CA ILE A 52 -1.02 -18.65 -10.33
C ILE A 52 -0.64 -19.92 -11.07
N GLY A 53 0.40 -19.81 -11.90
CA GLY A 53 0.82 -20.87 -12.76
C GLY A 53 1.86 -20.40 -13.77
N GLU A 54 2.32 -21.37 -14.58
CA GLU A 54 3.39 -21.19 -15.55
C GLU A 54 3.05 -21.91 -16.86
N ILE A 55 3.63 -21.44 -17.96
CA ILE A 55 3.48 -22.05 -19.28
C ILE A 55 4.76 -21.85 -20.08
N ASP A 56 5.19 -22.93 -20.74
CA ASP A 56 6.38 -22.91 -21.58
C ASP A 56 5.91 -22.56 -23.01
N PRO A 57 6.11 -21.31 -23.46
CA PRO A 57 5.60 -20.95 -24.78
C PRO A 57 6.11 -21.81 -25.90
N SER A 58 7.28 -22.42 -25.74
CA SER A 58 7.82 -23.28 -26.81
C SER A 58 6.79 -24.35 -27.24
N ASP A 59 6.18 -25.04 -26.28
CA ASP A 59 5.24 -26.14 -26.58
C ASP A 59 3.88 -26.04 -25.92
N GLY A 60 3.58 -24.91 -25.28
CA GLY A 60 2.31 -24.71 -24.57
C GLY A 60 2.06 -25.52 -23.30
N TYR A 61 3.06 -26.25 -22.82
CA TYR A 61 2.96 -27.04 -21.60
C TYR A 61 2.85 -26.12 -20.39
N SER A 62 1.98 -26.47 -19.45
CA SER A 62 1.63 -25.55 -18.37
C SER A 62 1.40 -26.29 -17.07
N ASN A 63 1.79 -25.68 -15.95
CA ASN A 63 1.47 -26.17 -14.60
C ASN A 63 0.80 -25.07 -13.79
N TYR A 64 0.01 -25.49 -12.82
CA TYR A 64 -0.83 -24.59 -12.07
C TYR A 64 -0.76 -24.80 -10.57
N ASN A 65 -0.85 -23.67 -9.88
CA ASN A 65 -1.16 -23.67 -8.50
C ASN A 65 -2.53 -24.32 -8.38
N GLN A 66 -2.56 -25.49 -7.73
CA GLN A 66 -3.79 -26.21 -7.38
C GLN A 66 -4.95 -25.27 -7.08
N LYS A 67 -4.69 -24.26 -6.29
CA LYS A 67 -5.68 -23.27 -5.93
C LYS A 67 -6.36 -22.58 -7.13
N PHE A 68 -5.62 -22.36 -8.21
CA PHE A 68 -6.10 -21.61 -9.37
C PHE A 68 -6.49 -22.47 -10.56
N LYS A 69 -6.43 -23.77 -10.39
CA LYS A 69 -7.00 -24.67 -11.39
C LYS A 69 -8.50 -24.34 -11.46
N GLY A 70 -9.03 -24.27 -12.66
CA GLY A 70 -10.43 -23.90 -12.80
C GLY A 70 -10.61 -22.39 -12.92
N LYS A 71 -9.98 -21.60 -12.04
CA LYS A 71 -10.07 -20.16 -12.20
C LYS A 71 -9.30 -19.68 -13.42
N ALA A 72 -8.04 -20.11 -13.57
CA ALA A 72 -7.15 -19.57 -14.61
C ALA A 72 -6.76 -20.59 -15.63
N THR A 73 -6.70 -20.15 -16.89
CA THR A 73 -6.18 -20.92 -18.04
C THR A 73 -5.13 -20.09 -18.74
N LEU A 74 -3.97 -20.70 -19.03
CA LEU A 74 -2.84 -19.99 -19.63
C LEU A 74 -2.64 -20.46 -21.04
N THR A 75 -2.52 -19.52 -21.97
CA THR A 75 -2.23 -19.81 -23.37
C THR A 75 -1.21 -18.83 -23.92
N VAL A 76 -0.62 -19.20 -25.04
CA VAL A 76 0.36 -18.40 -25.74
C VAL A 76 -0.05 -18.41 -27.21
N ASP A 77 0.30 -17.35 -27.92
CA ASP A 77 0.14 -17.33 -29.37
C ASP A 77 1.47 -16.90 -29.99
N LYS A 78 2.19 -17.88 -30.52
CA LYS A 78 3.46 -17.64 -31.18
C LYS A 78 3.41 -16.50 -32.18
N SER A 79 2.47 -16.56 -33.13
CA SER A 79 2.31 -15.55 -34.22
C SER A 79 2.51 -14.11 -33.77
N SER A 80 2.02 -13.83 -32.58
CA SER A 80 2.10 -12.50 -32.03
C SER A 80 2.97 -12.36 -30.78
N SER A 81 3.67 -13.43 -30.38
CA SER A 81 4.51 -13.41 -29.16
C SER A 81 3.77 -12.76 -27.98
N THR A 82 2.54 -13.23 -27.78
CA THR A 82 1.66 -12.74 -26.72
C THR A 82 1.21 -13.89 -25.83
N ALA A 83 1.22 -13.61 -24.52
CA ALA A 83 0.88 -14.55 -23.49
C ALA A 83 -0.49 -14.15 -22.99
N TYR A 84 -1.40 -15.12 -22.85
CA TYR A 84 -2.76 -14.89 -22.29
C TYR A 84 -3.10 -15.68 -21.02
N MET A 85 -3.77 -15.01 -20.08
CA MET A 85 -4.36 -15.65 -18.92
C MET A 85 -5.84 -15.37 -18.89
N HIS A 86 -6.65 -16.43 -19.00
CA HIS A 86 -8.10 -16.36 -18.88
C HIS A 86 -8.51 -16.65 -17.43
N LEU A 87 -9.17 -15.67 -16.83
CA LEU A 87 -9.85 -15.85 -15.58
C LEU A 87 -11.33 -15.95 -15.89
N ASN A 88 -12.00 -16.90 -15.23
CA ASN A 88 -13.44 -17.07 -15.34
C ASN A 88 -14.08 -17.10 -13.97
N SER A 89 -15.40 -17.09 -13.94
CA SER A 89 -16.20 -17.08 -12.72
C SER A 89 -15.72 -16.05 -11.71
N LEU A 90 -15.57 -14.80 -12.15
CA LEU A 90 -14.85 -13.82 -11.32
C LEU A 90 -15.63 -13.44 -10.04
N THR A 91 -14.88 -13.16 -8.96
CA THR A 91 -15.43 -12.78 -7.63
C THR A 91 -14.63 -11.61 -7.08
N SER A 92 -15.14 -10.93 -6.04
CA SER A 92 -14.41 -9.77 -5.41
C SER A 92 -13.00 -10.11 -4.90
N GLU A 93 -12.83 -11.35 -4.46
CA GLU A 93 -11.51 -11.89 -4.09
C GLU A 93 -10.51 -11.94 -5.26
N ASP A 94 -11.01 -12.01 -6.49
CA ASP A 94 -10.18 -11.90 -7.68
C ASP A 94 -9.77 -10.46 -8.02
N SER A 95 -10.37 -9.45 -7.37
CA SER A 95 -9.94 -8.06 -7.53
C SER A 95 -8.48 -7.87 -7.12
N ALA A 96 -7.59 -7.67 -8.08
CA ALA A 96 -6.17 -7.62 -7.81
C ALA A 96 -5.35 -7.07 -8.98
N VAL A 97 -4.05 -6.92 -8.73
CA VAL A 97 -3.05 -6.69 -9.75
C VAL A 97 -2.39 -8.01 -10.09
N TYR A 98 -2.36 -8.26 -11.42
CA TYR A 98 -1.93 -9.50 -12.01
C TYR A 98 -0.71 -9.22 -12.87
N TYR A 99 0.38 -9.92 -12.57
CA TYR A 99 1.65 -9.69 -13.26
C TYR A 99 1.85 -10.88 -14.18
N CYS A 100 2.45 -10.57 -15.32
CA CYS A 100 2.96 -11.54 -16.24
C CYS A 100 4.47 -11.40 -16.05
N THR A 101 5.20 -12.49 -16.15
CA THR A 101 6.63 -12.47 -15.95
C THR A 101 7.28 -13.31 -17.03
N SER A 102 8.51 -12.97 -17.42
CA SER A 102 9.31 -13.90 -18.21
C SER A 102 10.54 -14.28 -17.39
N SER A 103 10.76 -15.57 -17.17
CA SER A 103 11.93 -15.96 -16.38
C SER A 103 12.70 -17.11 -16.98
N THR A 104 13.86 -17.32 -16.38
CA THR A 104 14.78 -18.36 -16.81
C THR A 104 15.33 -18.88 -15.51
N SER A 105 16.25 -19.84 -15.60
CA SER A 105 16.96 -20.30 -14.42
C SER A 105 17.81 -19.22 -13.75
N VAL A 106 18.13 -18.15 -14.47
CA VAL A 106 18.95 -17.05 -13.96
C VAL A 106 18.18 -15.72 -13.89
N GLY A 107 16.85 -15.81 -13.83
CA GLY A 107 16.04 -14.62 -13.71
C GLY A 107 15.44 -14.10 -15.00
N GLY A 108 14.85 -12.91 -14.88
CA GLY A 108 14.20 -12.27 -16.01
C GLY A 108 13.44 -11.08 -15.51
N SER A 109 12.34 -10.74 -16.16
CA SER A 109 11.59 -9.60 -15.70
C SER A 109 10.10 -9.81 -15.61
N TRP A 110 9.51 -8.96 -14.80
CA TRP A 110 8.11 -8.96 -14.51
C TRP A 110 7.44 -7.83 -15.23
N GLY A 111 6.21 -8.04 -15.71
CA GLY A 111 5.39 -6.95 -16.25
C GLY A 111 4.98 -5.87 -15.25
N GLN A 112 4.41 -4.80 -15.81
CA GLN A 112 3.94 -3.60 -15.08
C GLN A 112 2.60 -3.95 -14.42
N GLY A 113 1.88 -4.91 -14.98
CA GLY A 113 0.77 -5.54 -14.29
C GLY A 113 -0.56 -4.94 -14.69
N THR A 114 -1.55 -5.80 -14.88
CA THR A 114 -2.94 -5.40 -15.17
C THR A 114 -3.68 -5.41 -13.85
N THR A 115 -4.30 -4.29 -13.52
CA THR A 115 -5.32 -4.28 -12.48
C THR A 115 -6.64 -4.87 -12.98
N VAL A 116 -7.27 -5.69 -12.13
CA VAL A 116 -8.65 -6.17 -12.31
C VAL A 116 -9.47 -5.77 -11.10
N THR A 117 -10.58 -5.12 -11.37
CA THR A 117 -11.50 -4.75 -10.31
C THR A 117 -12.83 -5.46 -10.57
N VAL A 118 -13.27 -6.26 -9.60
CA VAL A 118 -14.50 -7.04 -9.73
C VAL A 118 -15.56 -6.44 -8.82
N SER A 119 -16.40 -5.60 -9.41
CA SER A 119 -17.41 -4.82 -8.68
C SER A 119 -18.48 -4.36 -9.67
N SER A 120 -19.73 -4.47 -9.22
CA SER A 120 -20.83 -3.78 -9.88
C SER A 120 -21.33 -2.53 -9.12
N ALA A 121 -20.71 -2.17 -7.99
CA ALA A 121 -21.26 -1.09 -7.15
C ALA A 121 -21.15 0.29 -7.81
N SER A 122 -22.03 1.17 -7.39
CA SER A 122 -22.21 2.44 -8.04
C SER A 122 -21.03 3.34 -7.71
N THR A 123 -20.57 4.08 -8.70
CA THR A 123 -19.69 5.21 -8.47
C THR A 123 -20.40 6.22 -7.56
N LYS A 124 -19.66 6.82 -6.62
CA LYS A 124 -20.18 7.90 -5.79
C LYS A 124 -19.16 8.99 -5.62
N GLY A 125 -19.54 10.21 -5.95
CA GLY A 125 -18.69 11.39 -5.76
C GLY A 125 -18.53 11.76 -4.27
N PRO A 126 -17.34 12.26 -3.88
CA PRO A 126 -17.20 12.65 -2.48
C PRO A 126 -17.98 13.91 -2.09
N SER A 127 -18.44 13.89 -0.84
CA SER A 127 -18.81 15.07 -0.08
C SER A 127 -17.54 15.61 0.56
N VAL A 128 -17.27 16.90 0.37
CA VAL A 128 -16.00 17.55 0.79
C VAL A 128 -16.25 18.60 1.86
N PHE A 129 -15.67 18.38 3.06
CA PHE A 129 -15.88 19.24 4.24
C PHE A 129 -14.60 19.89 4.75
N PRO A 130 -14.66 21.20 5.10
CA PRO A 130 -13.47 21.82 5.60
C PRO A 130 -13.12 21.32 6.99
N LEU A 131 -11.82 21.14 7.23
CA LEU A 131 -11.20 21.03 8.57
C LEU A 131 -10.52 22.35 8.91
N ALA A 132 -11.28 23.22 9.58
CA ALA A 132 -10.89 24.61 9.74
C ALA A 132 -9.75 24.80 10.75
N PRO A 133 -8.90 25.80 10.50
CA PRO A 133 -7.88 26.17 11.45
C PRO A 133 -8.51 26.91 12.63
N SER A 134 -7.97 26.64 13.81
CA SER A 134 -8.45 27.19 15.07
C SER A 134 -7.29 27.13 16.03
N SER A 135 -7.52 27.67 17.23
CA SER A 135 -6.56 27.57 18.35
C SER A 135 -6.09 26.15 18.67
N LYS A 136 -6.95 25.16 18.43
CA LYS A 136 -6.67 23.72 18.65
C LYS A 136 -5.96 22.98 17.49
N SER A 137 -5.64 23.73 16.43
CA SER A 137 -4.84 23.27 15.30
C SER A 137 -3.62 24.17 15.06
N THR A 138 -3.09 24.77 16.13
CA THR A 138 -1.99 25.70 16.04
C THR A 138 -0.79 25.24 16.88
N SER A 139 0.40 25.32 16.30
CA SER A 139 1.63 24.89 16.96
C SER A 139 2.68 26.00 16.92
N GLY A 140 2.40 27.04 17.69
CA GLY A 140 3.31 28.16 17.87
C GLY A 140 3.94 28.68 16.59
N GLY A 141 3.14 29.42 15.83
CA GLY A 141 3.57 29.98 14.55
C GLY A 141 2.77 29.45 13.37
N THR A 142 2.38 28.19 13.45
CA THR A 142 1.73 27.53 12.35
C THR A 142 0.34 27.05 12.67
N ALA A 143 -0.52 27.15 11.67
CA ALA A 143 -1.83 26.59 11.74
C ALA A 143 -1.91 25.37 10.82
N ALA A 144 -2.59 24.33 11.31
CA ALA A 144 -2.97 23.18 10.51
C ALA A 144 -4.41 23.30 10.06
N LEU A 145 -4.66 22.87 8.84
CA LEU A 145 -6.01 22.81 8.28
C LEU A 145 -6.08 21.80 7.18
N GLY A 146 -7.31 21.45 6.84
CA GLY A 146 -7.51 20.47 5.81
C GLY A 146 -8.91 20.36 5.26
N CYS A 147 -9.11 19.25 4.52
CA CYS A 147 -10.37 18.91 3.94
C CYS A 147 -10.59 17.45 4.15
N LEU A 148 -11.80 17.09 4.58
CA LEU A 148 -12.22 15.70 4.74
C LEU A 148 -12.98 15.31 3.47
N VAL A 149 -12.48 14.29 2.80
CA VAL A 149 -12.97 13.82 1.51
C VAL A 149 -13.61 12.45 1.76
N LYS A 150 -14.94 12.49 1.95
CA LYS A 150 -15.70 11.45 2.62
C LYS A 150 -16.76 10.84 1.70
N ASP A 151 -16.87 9.52 1.79
CA ASP A 151 -17.93 8.71 1.14
C ASP A 151 -17.89 8.83 -0.38
N TYR A 152 -16.78 8.36 -0.94
CA TYR A 152 -16.62 8.21 -2.38
C TYR A 152 -16.32 6.75 -2.76
N PHE A 153 -16.51 6.48 -4.05
CA PHE A 153 -16.20 5.21 -4.64
C PHE A 153 -16.16 5.37 -6.18
N PRO A 154 -15.19 4.76 -6.88
CA PRO A 154 -14.07 3.99 -6.36
C PRO A 154 -12.90 4.94 -6.12
N GLU A 155 -11.74 4.36 -5.83
CA GLU A 155 -10.46 5.08 -5.87
C GLU A 155 -10.20 5.52 -7.30
N PRO A 156 -9.40 6.59 -7.50
CA PRO A 156 -8.81 7.43 -6.48
C PRO A 156 -9.44 8.80 -6.43
N VAL A 157 -9.14 9.55 -5.39
CA VAL A 157 -9.25 11.02 -5.46
C VAL A 157 -7.86 11.68 -5.57
N THR A 158 -7.87 12.93 -6.00
CA THR A 158 -6.71 13.81 -5.91
C THR A 158 -7.11 15.11 -5.20
N VAL A 159 -6.40 15.43 -4.13
CA VAL A 159 -6.55 16.72 -3.49
C VAL A 159 -5.37 17.58 -3.89
N SER A 160 -5.61 18.86 -4.12
CA SER A 160 -4.48 19.80 -4.19
C SER A 160 -4.82 21.12 -3.54
N TRP A 161 -3.79 21.78 -3.07
CA TRP A 161 -3.95 23.01 -2.30
C TRP A 161 -3.46 24.19 -3.08
N ASN A 162 -3.84 25.36 -2.60
CA ASN A 162 -3.47 26.61 -3.26
C ASN A 162 -2.31 27.28 -2.50
N SER A 163 -1.94 28.49 -2.92
CA SER A 163 -0.85 29.26 -2.29
C SER A 163 0.59 28.72 -2.57
N GLY A 164 0.71 27.84 -3.57
CA GLY A 164 2.01 27.32 -4.04
C GLY A 164 3.00 26.75 -3.01
N ALA A 165 4.08 27.49 -2.78
CA ALA A 165 5.26 26.97 -2.06
C ALA A 165 4.96 26.64 -0.60
N LEU A 166 4.34 27.59 0.10
CA LEU A 166 4.05 27.39 1.52
C LEU A 166 2.98 26.31 1.79
N THR A 167 2.21 25.90 0.77
CA THR A 167 1.21 24.84 0.98
C THR A 167 1.73 23.40 0.85
N SER A 168 2.97 23.20 0.45
CA SER A 168 3.55 21.86 0.51
C SER A 168 3.84 21.51 1.98
N GLY A 169 4.35 20.31 2.22
CA GLY A 169 4.19 19.66 3.54
C GLY A 169 2.75 19.20 3.69
N VAL A 170 2.12 18.93 2.54
CA VAL A 170 0.77 18.41 2.48
C VAL A 170 0.88 16.97 2.95
N HIS A 171 -0.13 16.52 3.68
CA HIS A 171 -0.29 15.11 4.00
C HIS A 171 -1.68 14.72 3.54
N THR A 172 -1.73 14.15 2.34
CA THR A 172 -2.94 13.49 1.85
C THR A 172 -2.81 12.04 2.35
N PHE A 173 -3.76 11.62 3.20
CA PHE A 173 -3.67 10.31 3.85
C PHE A 173 -4.13 9.20 2.90
N PRO A 174 -3.57 7.98 3.03
CA PRO A 174 -4.22 6.85 2.35
C PRO A 174 -5.71 6.78 2.66
N ALA A 175 -6.49 6.55 1.62
CA ALA A 175 -7.91 6.19 1.73
C ALA A 175 -8.11 5.01 2.68
N VAL A 176 -9.19 5.11 3.43
CA VAL A 176 -9.62 4.00 4.25
C VAL A 176 -10.96 3.55 3.73
N LEU A 177 -11.14 2.25 3.66
CA LEU A 177 -12.38 1.70 3.21
C LEU A 177 -13.28 1.54 4.43
N GLN A 178 -14.50 2.03 4.30
CA GLN A 178 -15.43 2.01 5.38
C GLN A 178 -16.34 0.81 5.20
N SER A 179 -17.02 0.46 6.29
CA SER A 179 -17.88 -0.74 6.40
C SER A 179 -19.07 -0.62 5.49
N SER A 180 -19.41 0.63 5.16
CA SER A 180 -20.34 0.94 4.08
C SER A 180 -19.82 0.68 2.64
N GLY A 181 -18.53 0.35 2.47
CA GLY A 181 -17.93 0.19 1.14
C GLY A 181 -17.56 1.47 0.42
N LEU A 182 -17.69 2.59 1.11
CA LEU A 182 -17.22 3.87 0.59
C LEU A 182 -15.89 4.23 1.21
N TYR A 183 -14.96 4.69 0.38
CA TYR A 183 -13.72 5.31 0.82
C TYR A 183 -13.91 6.71 1.39
N SER A 184 -12.94 7.06 2.23
CA SER A 184 -12.88 8.33 2.91
C SER A 184 -11.41 8.63 3.22
N LEU A 185 -11.07 9.89 3.17
CA LEU A 185 -9.73 10.32 3.52
C LEU A 185 -9.71 11.75 3.98
N SER A 186 -8.58 12.14 4.55
CA SER A 186 -8.28 13.53 4.85
C SER A 186 -7.02 13.99 4.13
N SER A 187 -6.99 15.28 3.82
CA SER A 187 -5.80 15.97 3.29
C SER A 187 -5.60 17.22 4.15
N VAL A 188 -4.43 17.33 4.77
CA VAL A 188 -4.13 18.41 5.70
C VAL A 188 -2.82 19.10 5.32
N VAL A 189 -2.68 20.31 5.83
CA VAL A 189 -1.49 21.13 5.53
C VAL A 189 -1.20 21.98 6.75
N THR A 190 0.07 22.37 6.92
CA THR A 190 0.44 23.32 7.98
C THR A 190 0.91 24.59 7.32
N VAL A 191 0.38 25.74 7.75
CA VAL A 191 0.70 27.03 7.15
C VAL A 191 1.09 28.07 8.21
N PRO A 192 1.85 29.14 7.82
CA PRO A 192 2.10 30.16 8.84
C PRO A 192 0.82 30.78 9.25
N SER A 193 0.65 30.95 10.54
CA SER A 193 -0.56 31.56 11.07
C SER A 193 -0.83 32.93 10.46
N SER A 194 0.24 33.70 10.21
CA SER A 194 0.10 35.01 9.56
C SER A 194 -0.60 34.94 8.20
N SER A 195 -0.24 33.94 7.38
CA SER A 195 -0.87 33.72 6.07
C SER A 195 -2.41 33.71 6.04
N LEU A 196 -3.06 33.35 7.15
CA LEU A 196 -4.54 33.24 7.23
C LEU A 196 -5.29 34.55 7.10
N GLY A 197 -4.61 35.66 7.40
CA GLY A 197 -5.09 36.99 7.08
C GLY A 197 -4.94 37.43 5.64
N THR A 198 -3.97 36.89 4.90
CA THR A 198 -3.68 37.37 3.52
C THR A 198 -3.94 36.33 2.40
N GLN A 199 -4.54 35.21 2.78
CA GLN A 199 -4.88 34.15 1.85
C GLN A 199 -6.05 33.32 2.42
N THR A 200 -6.87 32.84 1.49
CA THR A 200 -7.93 31.91 1.77
C THR A 200 -7.59 30.57 1.10
N TYR A 201 -7.32 29.58 1.94
CA TYR A 201 -6.91 28.27 1.52
C TYR A 201 -8.05 27.42 1.04
N ILE A 202 -7.77 26.72 -0.06
CA ILE A 202 -8.73 26.00 -0.89
C ILE A 202 -8.13 24.68 -1.25
N CYS A 203 -8.88 23.62 -0.98
CA CYS A 203 -8.52 22.28 -1.35
C CYS A 203 -9.32 21.98 -2.59
N ASN A 204 -8.62 21.64 -3.63
CA ASN A 204 -9.22 21.33 -4.90
C ASN A 204 -9.28 19.81 -4.99
N VAL A 205 -10.49 19.25 -4.99
CA VAL A 205 -10.68 17.80 -5.01
C VAL A 205 -11.22 17.33 -6.35
N ASN A 206 -10.48 16.46 -7.03
CA ASN A 206 -10.97 15.83 -8.25
C ASN A 206 -11.20 14.32 -8.06
N HIS A 207 -12.43 13.89 -8.34
CA HIS A 207 -12.77 12.48 -8.46
C HIS A 207 -13.14 12.16 -9.92
N LYS A 208 -12.16 11.69 -10.69
CA LYS A 208 -12.37 11.37 -12.12
C LYS A 208 -13.57 10.45 -12.35
N PRO A 209 -13.65 9.31 -11.61
CA PRO A 209 -14.73 8.34 -11.87
C PRO A 209 -16.13 8.93 -11.95
N SER A 210 -16.39 9.96 -11.16
CA SER A 210 -17.72 10.53 -11.05
C SER A 210 -17.80 11.95 -11.60
N ASN A 211 -16.85 12.34 -12.45
CA ASN A 211 -16.80 13.71 -13.01
C ASN A 211 -16.80 14.84 -11.97
N THR A 212 -16.39 14.57 -10.74
CA THR A 212 -16.47 15.56 -9.65
C THR A 212 -15.19 16.40 -9.64
N LYS A 213 -15.39 17.71 -9.56
CA LYS A 213 -14.38 18.69 -9.20
C LYS A 213 -15.04 19.55 -8.12
N VAL A 214 -14.44 19.61 -6.94
CA VAL A 214 -14.92 20.44 -5.83
C VAL A 214 -13.76 21.31 -5.34
N ASP A 215 -14.07 22.55 -5.00
CA ASP A 215 -13.12 23.46 -4.42
C ASP A 215 -13.75 23.92 -3.14
N LYS A 216 -13.11 23.61 -2.03
CA LYS A 216 -13.64 24.02 -0.74
C LYS A 216 -12.66 24.98 -0.08
N LYS A 217 -13.15 26.16 0.22
CA LYS A 217 -12.44 27.14 1.02
C LYS A 217 -12.46 26.66 2.44
N VAL A 218 -11.29 26.69 3.07
CA VAL A 218 -11.14 26.27 4.45
C VAL A 218 -10.80 27.51 5.27
N GLU A 219 -11.86 28.16 5.74
CA GLU A 219 -11.72 29.40 6.48
C GLU A 219 -11.74 29.18 7.99
N PRO A 220 -11.07 30.05 8.75
CA PRO A 220 -11.29 30.06 10.19
C PRO A 220 -12.66 30.66 10.50
N SER B 2 -0.95 -27.89 3.05
CA SER B 2 0.50 -28.22 3.34
C SER B 2 1.46 -27.60 2.30
N ASP B 3 1.12 -26.41 1.82
CA ASP B 3 1.96 -25.65 0.92
C ASP B 3 3.10 -25.13 1.75
N ILE B 4 4.18 -24.71 1.10
CA ILE B 4 5.32 -24.18 1.83
C ILE B 4 4.95 -22.74 2.21
N GLU B 5 4.85 -22.46 3.52
CA GLU B 5 4.72 -21.09 4.04
C GLU B 5 6.08 -20.49 4.32
N LEU B 6 6.24 -19.23 3.95
CA LEU B 6 7.49 -18.52 4.11
C LEU B 6 7.21 -17.35 5.04
N THR B 7 7.81 -17.38 6.22
CA THR B 7 7.59 -16.34 7.21
C THR B 7 8.79 -15.40 7.24
N GLN B 8 8.53 -14.12 7.00
CA GLN B 8 9.55 -13.07 7.09
C GLN B 8 9.52 -12.38 8.42
N SER B 9 10.70 -11.97 8.88
CA SER B 9 10.80 -11.12 10.05
C SER B 9 11.98 -10.17 9.87
N PRO B 10 11.84 -8.94 10.36
CA PRO B 10 10.59 -8.46 10.94
C PRO B 10 9.70 -7.91 9.83
N LEU B 11 8.62 -7.26 10.19
CA LEU B 11 7.70 -6.67 9.23
C LEU B 11 8.28 -5.46 8.61
N SER B 12 8.76 -4.58 9.46
CA SER B 12 9.30 -3.33 9.00
C SER B 12 10.60 -3.23 9.69
N LEU B 13 11.61 -2.77 8.98
CA LEU B 13 12.96 -2.66 9.50
C LEU B 13 13.53 -1.26 9.31
N PRO B 14 13.56 -0.45 10.38
CA PRO B 14 14.20 0.84 10.18
C PRO B 14 15.74 0.72 10.21
N VAL B 15 16.42 1.27 9.19
CA VAL B 15 17.91 1.38 9.11
C VAL B 15 18.46 2.77 8.76
N SER B 16 19.59 3.13 9.34
CA SER B 16 20.32 4.31 8.87
C SER B 16 20.84 4.06 7.43
N LEU B 17 20.71 5.07 6.57
CA LEU B 17 21.22 4.97 5.22
C LEU B 17 22.71 4.91 5.32
N GLY B 18 23.29 3.88 4.71
CA GLY B 18 24.73 3.65 4.73
C GLY B 18 25.16 2.56 5.71
N ASP B 19 24.21 1.96 6.40
CA ASP B 19 24.44 0.90 7.38
C ASP B 19 24.08 -0.44 6.71
N GLN B 20 24.29 -1.53 7.44
CA GLN B 20 23.80 -2.86 7.10
C GLN B 20 22.36 -3.10 7.52
N ALA B 21 21.66 -3.89 6.71
CA ALA B 21 20.30 -4.37 7.01
C ALA B 21 20.33 -5.88 6.84
N SER B 22 19.64 -6.63 7.70
CA SER B 22 19.41 -8.05 7.35
C SER B 22 17.98 -8.51 7.64
N ILE B 23 17.47 -9.34 6.74
CA ILE B 23 16.06 -9.73 6.72
C ILE B 23 16.00 -11.25 6.70
N SER B 24 15.11 -11.80 7.52
CA SER B 24 15.01 -13.23 7.69
C SER B 24 13.77 -13.75 6.98
N CYS B 25 13.90 -14.94 6.41
CA CYS B 25 12.78 -15.63 5.77
C CYS B 25 12.91 -17.05 6.21
N THR B 26 11.88 -17.53 6.90
CA THR B 26 11.81 -18.88 7.46
C THR B 26 10.79 -19.71 6.72
N SER B 27 11.23 -20.87 6.23
CA SER B 27 10.41 -21.76 5.43
C SER B 27 9.82 -22.88 6.28
N SER B 28 8.55 -23.19 6.07
CA SER B 28 7.88 -24.25 6.84
C SER B 28 8.45 -25.61 6.50
N GLN B 29 9.07 -25.73 5.32
CA GLN B 29 9.80 -26.93 4.95
C GLN B 29 11.17 -26.65 4.33
N SER B 30 11.95 -27.72 4.23
CA SER B 30 13.22 -27.74 3.52
C SER B 30 13.00 -27.38 2.07
N LEU B 31 13.83 -26.48 1.56
CA LEU B 31 13.78 -26.04 0.17
C LEU B 31 14.94 -26.55 -0.67
N LEU B 32 15.74 -27.45 -0.09
CA LEU B 32 16.85 -28.05 -0.78
C LEU B 32 16.36 -29.07 -1.79
N HIS B 33 16.51 -28.75 -3.08
CA HIS B 33 16.18 -29.68 -4.17
C HIS B 33 17.23 -30.76 -4.33
N SER B 34 16.82 -31.96 -4.71
CA SER B 34 17.76 -33.09 -5.00
C SER B 34 18.91 -32.86 -6.04
N ASN B 35 18.81 -31.82 -6.85
CA ASN B 35 19.88 -31.43 -7.76
C ASN B 35 20.96 -30.58 -7.06
N GLY B 36 20.74 -30.25 -5.78
CA GLY B 36 21.66 -29.50 -4.93
C GLY B 36 21.36 -28.01 -4.84
N ASP B 37 20.50 -27.49 -5.71
CA ASP B 37 20.12 -26.09 -5.63
C ASP B 37 19.03 -25.89 -4.59
N THR B 38 19.01 -24.70 -4.00
CA THR B 38 18.01 -24.31 -3.04
C THR B 38 17.31 -23.11 -3.65
N TYR B 39 16.03 -23.26 -3.98
CA TYR B 39 15.29 -22.31 -4.85
C TYR B 39 14.49 -21.27 -4.08
N LEU B 40 15.26 -20.49 -3.36
CA LEU B 40 14.81 -19.45 -2.48
C LEU B 40 15.34 -18.16 -3.04
N HIS B 41 14.42 -17.25 -3.36
CA HIS B 41 14.71 -16.01 -4.03
C HIS B 41 14.21 -14.80 -3.23
N TRP B 42 14.81 -13.64 -3.47
CA TRP B 42 14.44 -12.38 -2.83
C TRP B 42 14.15 -11.33 -3.86
N TYR B 43 13.04 -10.62 -3.72
CA TYR B 43 12.69 -9.52 -4.61
C TYR B 43 12.59 -8.28 -3.78
N LEU B 44 12.65 -7.13 -4.43
CA LEU B 44 12.32 -5.82 -3.83
C LEU B 44 11.16 -5.22 -4.64
N GLN B 45 10.13 -4.72 -3.97
CA GLN B 45 9.09 -3.98 -4.66
C GLN B 45 9.10 -2.52 -4.16
N LYS B 46 9.30 -1.60 -5.10
CA LYS B 46 9.23 -0.16 -4.87
C LYS B 46 7.79 0.33 -5.07
N PRO B 47 7.42 1.42 -4.38
CA PRO B 47 6.01 1.83 -4.51
C PRO B 47 5.64 2.10 -5.95
N GLY B 48 4.45 1.62 -6.35
CA GLY B 48 3.90 1.81 -7.71
C GLY B 48 4.69 1.16 -8.82
N GLN B 49 5.35 0.05 -8.51
CA GLN B 49 6.14 -0.71 -9.46
C GLN B 49 6.03 -2.16 -9.11
N SER B 50 6.44 -2.98 -10.05
CA SER B 50 6.34 -4.37 -9.86
C SER B 50 7.60 -4.90 -9.15
N PRO B 51 7.54 -6.13 -8.61
CA PRO B 51 8.70 -6.76 -7.99
C PRO B 51 9.84 -6.99 -8.93
N LYS B 52 11.05 -6.75 -8.45
CA LYS B 52 12.27 -6.95 -9.24
C LYS B 52 13.18 -7.93 -8.50
N LEU B 53 13.74 -8.85 -9.24
CA LEU B 53 14.55 -9.88 -8.66
C LEU B 53 15.88 -9.32 -8.18
N LEU B 54 16.30 -9.68 -6.98
CA LEU B 54 17.64 -9.35 -6.47
C LEU B 54 18.57 -10.53 -6.50
N ILE B 55 18.15 -11.57 -5.79
CA ILE B 55 18.94 -12.73 -5.46
C ILE B 55 18.09 -13.93 -5.84
N TYR B 56 18.71 -14.92 -6.46
CA TYR B 56 17.98 -16.12 -6.85
C TYR B 56 18.73 -17.40 -6.46
N THR B 57 18.03 -18.51 -6.48
CA THR B 57 18.52 -19.80 -6.04
C THR B 57 19.58 -19.62 -4.93
N LEU B 58 19.12 -19.01 -3.85
CA LEU B 58 19.78 -18.86 -2.56
C LEU B 58 20.67 -17.68 -2.45
N SER B 59 21.69 -17.62 -3.29
CA SER B 59 22.71 -16.60 -3.18
C SER B 59 23.26 -16.05 -4.49
N ASN B 60 22.64 -16.33 -5.62
CA ASN B 60 23.10 -15.73 -6.88
C ASN B 60 22.54 -14.33 -7.12
N ARG B 61 23.37 -13.39 -7.53
CA ARG B 61 22.88 -12.04 -7.85
C ARG B 61 22.26 -11.98 -9.23
N PHE B 62 21.03 -11.48 -9.31
CA PHE B 62 20.45 -11.18 -10.62
C PHE B 62 21.38 -10.18 -11.33
N SER B 63 21.49 -10.26 -12.64
CA SER B 63 22.44 -9.45 -13.42
C SER B 63 22.22 -7.93 -13.17
N GLY B 64 23.27 -7.26 -12.69
CA GLY B 64 23.20 -5.86 -12.35
C GLY B 64 22.91 -5.57 -10.90
N VAL B 65 22.53 -6.59 -10.15
CA VAL B 65 22.35 -6.44 -8.72
C VAL B 65 23.72 -6.35 -8.10
N PRO B 66 24.01 -5.28 -7.34
CA PRO B 66 25.31 -5.18 -6.67
C PRO B 66 25.52 -6.24 -5.57
N ASP B 67 26.77 -6.51 -5.22
CA ASP B 67 27.08 -7.57 -4.24
C ASP B 67 26.86 -7.16 -2.80
N ARG B 68 26.59 -5.88 -2.57
CA ARG B 68 26.14 -5.44 -1.26
C ARG B 68 24.79 -6.07 -0.84
N PHE B 69 24.07 -6.60 -1.82
CA PHE B 69 22.94 -7.49 -1.58
C PHE B 69 23.46 -8.92 -1.55
N SER B 70 23.30 -9.60 -0.43
CA SER B 70 23.84 -10.95 -0.29
C SER B 70 22.84 -11.95 0.32
N GLY B 71 22.67 -13.11 -0.31
CA GLY B 71 21.69 -14.11 0.14
C GLY B 71 22.41 -15.31 0.72
N SER B 72 21.93 -15.80 1.86
CA SER B 72 22.49 -16.99 2.48
C SER B 72 21.39 -17.80 3.08
N GLY B 73 21.79 -18.93 3.65
CA GLY B 73 20.94 -19.80 4.44
C GLY B 73 21.10 -21.23 4.03
N SER B 74 20.25 -22.06 4.60
CA SER B 74 20.03 -23.43 4.13
C SER B 74 19.01 -24.08 5.06
N GLY B 75 18.52 -25.24 4.63
CA GLY B 75 17.50 -25.97 5.36
C GLY B 75 16.21 -25.17 5.26
N THR B 76 15.86 -24.54 6.40
CA THR B 76 14.67 -23.70 6.53
C THR B 76 14.93 -22.24 6.94
N ASP B 77 16.17 -21.89 7.30
CA ASP B 77 16.46 -20.47 7.63
C ASP B 77 17.27 -19.75 6.54
N PHE B 78 16.77 -18.58 6.14
CA PHE B 78 17.31 -17.83 5.01
C PHE B 78 17.43 -16.35 5.40
N THR B 79 18.54 -15.75 4.94
CA THR B 79 18.78 -14.33 5.19
C THR B 79 19.11 -13.57 3.93
N LEU B 80 18.57 -12.35 3.89
CA LEU B 80 19.00 -11.33 2.95
C LEU B 80 19.73 -10.26 3.74
N LYS B 81 21.02 -10.12 3.46
CA LYS B 81 21.80 -8.99 3.97
C LYS B 81 21.99 -7.93 2.89
N ILE B 82 21.66 -6.70 3.24
CA ILE B 82 21.93 -5.52 2.38
C ILE B 82 23.06 -4.73 3.02
N SER B 83 24.14 -4.49 2.28
CA SER B 83 25.37 -4.05 2.94
C SER B 83 25.58 -2.54 3.10
N ARG B 84 25.29 -1.74 2.07
CA ARG B 84 25.47 -0.28 2.19
C ARG B 84 24.19 0.46 1.82
N VAL B 85 23.19 0.32 2.69
CA VAL B 85 21.83 0.70 2.34
C VAL B 85 21.77 2.10 1.72
N GLU B 86 21.26 2.13 0.50
CA GLU B 86 20.97 3.37 -0.23
C GLU B 86 19.47 3.65 -0.27
N ALA B 87 19.13 4.87 -0.65
CA ALA B 87 17.75 5.32 -0.66
C ALA B 87 16.91 4.51 -1.62
N ALA B 88 17.43 4.30 -2.81
CA ALA B 88 16.77 3.49 -3.81
C ALA B 88 16.62 2.00 -3.42
N ASP B 89 17.19 1.58 -2.29
CA ASP B 89 16.91 0.26 -1.72
C ASP B 89 15.62 0.16 -0.89
N LEU B 90 15.01 1.30 -0.56
CA LEU B 90 13.82 1.33 0.28
C LEU B 90 12.62 0.81 -0.46
N GLY B 91 11.75 0.12 0.27
CA GLY B 91 10.51 -0.49 -0.25
C GLY B 91 10.30 -1.84 0.41
N ILE B 92 9.59 -2.75 -0.25
CA ILE B 92 9.22 -4.02 0.38
C ILE B 92 9.98 -5.19 -0.23
N TYR B 93 10.54 -6.01 0.64
CA TYR B 93 11.33 -7.16 0.22
C TYR B 93 10.52 -8.39 0.49
N PHE B 94 10.34 -9.18 -0.56
CA PHE B 94 9.67 -10.47 -0.46
C PHE B 94 10.65 -11.63 -0.66
N CYS B 95 10.51 -12.72 0.09
CA CYS B 95 11.16 -13.98 -0.31
C CYS B 95 10.15 -14.81 -1.03
N SER B 96 10.65 -15.80 -1.76
CA SER B 96 9.85 -16.67 -2.57
C SER B 96 10.58 -18.00 -2.73
N GLN B 97 9.82 -19.10 -2.67
CA GLN B 97 10.35 -20.42 -2.99
C GLN B 97 9.73 -20.98 -4.27
N THR B 98 10.59 -21.53 -5.13
CA THR B 98 10.15 -22.27 -6.29
C THR B 98 10.61 -23.71 -6.27
N THR B 99 11.02 -24.22 -5.11
CA THR B 99 11.49 -25.62 -5.03
C THR B 99 10.34 -26.55 -5.25
N HIS B 100 9.20 -26.24 -4.63
CA HIS B 100 8.00 -27.07 -4.63
C HIS B 100 6.86 -26.33 -5.23
N VAL B 101 6.08 -27.02 -6.05
CA VAL B 101 4.84 -26.52 -6.62
C VAL B 101 3.73 -26.71 -5.58
N PRO B 102 2.90 -25.70 -5.32
CA PRO B 102 2.99 -24.39 -5.95
C PRO B 102 4.05 -23.49 -5.29
N TYR B 103 4.65 -22.64 -6.13
CA TYR B 103 5.62 -21.64 -5.70
C TYR B 103 4.91 -20.71 -4.77
N THR B 104 5.61 -20.25 -3.74
CA THR B 104 5.05 -19.34 -2.75
C THR B 104 5.87 -18.09 -2.47
N PHE B 105 5.23 -17.12 -1.84
CA PHE B 105 5.86 -15.86 -1.44
C PHE B 105 5.65 -15.60 0.05
N GLY B 106 6.69 -15.04 0.68
CA GLY B 106 6.59 -14.52 2.04
C GLY B 106 5.81 -13.21 2.03
N GLY B 107 5.35 -12.80 3.19
CA GLY B 107 4.46 -11.64 3.37
C GLY B 107 5.04 -10.27 3.12
N GLY B 108 6.37 -10.18 3.24
CA GLY B 108 7.12 -8.98 2.88
C GLY B 108 7.71 -8.30 4.12
N THR B 109 8.86 -7.63 3.94
CA THR B 109 9.49 -6.82 4.96
C THR B 109 9.69 -5.43 4.39
N LYS B 110 9.21 -4.40 5.10
CA LYS B 110 9.43 -3.05 4.61
C LYS B 110 10.71 -2.48 5.17
N LEU B 111 11.62 -2.07 4.29
CA LEU B 111 12.87 -1.46 4.75
C LEU B 111 12.66 0.04 4.80
N GLU B 112 12.80 0.60 5.99
CA GLU B 112 12.46 1.99 6.26
C GLU B 112 13.70 2.73 6.69
N ILE B 113 13.55 4.04 6.83
CA ILE B 113 14.61 4.85 7.35
C ILE B 113 14.51 5.02 8.86
N LYS B 114 15.58 4.69 9.57
CA LYS B 114 15.70 5.00 11.00
C LYS B 114 16.16 6.44 11.21
N ARG B 115 15.65 7.02 12.28
CA ARG B 115 16.07 8.31 12.72
C ARG B 115 15.58 8.50 14.13
N ALA B 116 16.06 9.56 14.76
CA ALA B 116 15.72 9.89 16.14
C ALA B 116 14.21 10.06 16.37
N ASP B 117 13.78 9.90 17.62
CA ASP B 117 12.39 10.07 17.98
C ASP B 117 12.01 11.54 17.82
N ALA B 118 10.74 11.71 17.52
CA ALA B 118 10.14 13.02 17.43
C ALA B 118 8.68 12.83 17.79
N ALA B 119 8.24 13.68 18.68
CA ALA B 119 6.91 13.60 19.20
C ALA B 119 5.96 14.23 18.26
N PRO B 120 4.72 13.70 18.18
CA PRO B 120 3.84 14.33 17.24
C PRO B 120 3.25 15.62 17.77
N SER B 121 2.93 16.53 16.86
CA SER B 121 2.08 17.67 17.17
C SER B 121 0.70 17.10 16.98
N VAL B 122 -0.16 17.37 17.94
CA VAL B 122 -1.50 16.83 17.90
C VAL B 122 -2.51 17.95 17.71
N PHE B 123 -3.42 17.78 16.76
CA PHE B 123 -4.44 18.75 16.49
C PHE B 123 -5.76 18.02 16.40
N ILE B 124 -6.81 18.69 16.86
CA ILE B 124 -8.17 18.19 16.76
C ILE B 124 -9.05 19.14 15.95
N PHE B 125 -9.99 18.56 15.20
CA PHE B 125 -10.88 19.26 14.31
C PHE B 125 -12.33 18.81 14.52
N PRO B 126 -13.15 19.75 15.04
CA PRO B 126 -14.58 19.47 15.12
C PRO B 126 -15.17 19.22 13.73
N PRO B 127 -16.37 18.60 13.66
CA PRO B 127 -17.03 18.55 12.37
C PRO B 127 -17.42 19.95 11.89
N SER B 128 -17.40 20.12 10.59
CA SER B 128 -17.94 21.33 9.99
C SER B 128 -19.46 21.34 10.17
N ASP B 129 -19.98 22.56 10.38
CA ASP B 129 -21.41 22.83 10.38
C ASP B 129 -22.05 22.26 9.12
N GLU B 130 -21.33 22.39 8.01
CA GLU B 130 -21.76 21.85 6.75
C GLU B 130 -22.04 20.35 6.79
N GLN B 131 -21.09 19.57 7.30
CA GLN B 131 -21.32 18.14 7.47
C GLN B 131 -22.50 17.84 8.40
N LEU B 132 -22.60 18.57 9.51
CA LEU B 132 -23.68 18.40 10.49
C LEU B 132 -25.06 18.55 9.83
N LYS B 133 -25.24 19.63 9.08
CA LYS B 133 -26.44 19.82 8.24
C LYS B 133 -26.73 18.56 7.42
N SER B 134 -25.70 17.97 6.85
CA SER B 134 -25.85 16.73 6.10
C SER B 134 -26.05 15.43 6.92
N GLY B 135 -26.28 15.51 8.23
CA GLY B 135 -26.65 14.32 9.04
C GLY B 135 -25.60 13.64 9.90
N THR B 136 -24.39 13.45 9.38
CA THR B 136 -23.27 12.90 10.18
C THR B 136 -22.35 13.96 10.82
N ALA B 137 -21.50 13.45 11.73
CA ALA B 137 -20.52 14.25 12.48
C ALA B 137 -19.23 13.46 12.57
N SER B 138 -18.20 13.91 11.85
CA SER B 138 -16.86 13.34 11.89
C SER B 138 -15.95 14.23 12.72
N VAL B 139 -15.16 13.67 13.64
CA VAL B 139 -14.14 14.47 14.33
C VAL B 139 -12.80 13.92 13.89
N VAL B 140 -11.90 14.83 13.55
CA VAL B 140 -10.56 14.48 13.06
C VAL B 140 -9.46 14.90 14.03
N CYS B 141 -8.63 13.92 14.31
CA CYS B 141 -7.52 14.10 15.16
C CYS B 141 -6.30 13.79 14.33
N LEU B 142 -5.32 14.69 14.37
CA LEU B 142 -4.15 14.62 13.52
C LEU B 142 -2.90 14.52 14.34
N LEU B 143 -2.03 13.60 13.97
CA LEU B 143 -0.75 13.43 14.60
C LEU B 143 0.24 13.73 13.50
N ASN B 144 0.99 14.81 13.63
CA ASN B 144 1.84 15.28 12.57
C ASN B 144 3.30 15.11 12.90
N ASN B 145 4.03 14.47 11.98
CA ASN B 145 5.51 14.50 11.91
C ASN B 145 6.24 13.97 13.13
N PHE B 146 6.16 12.67 13.31
CA PHE B 146 6.72 12.02 14.47
C PHE B 146 7.43 10.76 14.06
N TYR B 147 8.10 10.15 15.01
CA TYR B 147 8.87 8.97 14.77
C TYR B 147 9.06 8.32 16.13
N PRO B 148 8.99 6.99 16.24
CA PRO B 148 8.66 6.06 15.17
C PRO B 148 7.15 5.97 14.88
N ARG B 149 6.79 5.00 14.05
CA ARG B 149 5.47 4.87 13.47
C ARG B 149 4.40 4.43 14.45
N GLU B 150 4.83 3.61 15.40
CA GLU B 150 3.96 3.02 16.36
C GLU B 150 3.37 4.15 17.21
N ALA B 151 2.04 4.16 17.35
CA ALA B 151 1.32 5.17 18.10
C ALA B 151 -0.05 4.69 18.50
N LYS B 152 -0.44 4.98 19.74
CA LYS B 152 -1.77 4.61 20.22
C LYS B 152 -2.61 5.88 20.24
N VAL B 153 -3.76 5.83 19.57
CA VAL B 153 -4.72 6.95 19.53
C VAL B 153 -6.04 6.47 20.00
N GLN B 154 -6.60 7.17 20.98
CA GLN B 154 -7.83 6.74 21.61
C GLN B 154 -8.76 7.92 21.68
N TRP B 155 -10.05 7.61 21.58
CA TRP B 155 -11.08 8.63 21.70
C TRP B 155 -11.94 8.48 22.93
N LYS B 156 -12.27 9.63 23.50
CA LYS B 156 -13.06 9.77 24.70
C LYS B 156 -14.11 10.83 24.43
N VAL B 157 -15.36 10.46 24.69
CA VAL B 157 -16.50 11.33 24.57
C VAL B 157 -17.10 11.38 25.95
N ASP B 158 -17.12 12.59 26.52
CA ASP B 158 -17.57 12.83 27.92
C ASP B 158 -16.85 11.86 28.88
N ASN B 159 -15.55 11.73 28.70
CA ASN B 159 -14.71 10.75 29.40
C ASN B 159 -14.95 9.25 29.13
N ALA B 160 -15.90 8.93 28.24
CA ALA B 160 -16.19 7.54 27.84
C ALA B 160 -15.31 7.11 26.69
N LEU B 161 -14.38 6.20 26.98
CA LEU B 161 -13.54 5.61 25.95
C LEU B 161 -14.38 4.96 24.84
N GLN B 162 -14.07 5.32 23.59
CA GLN B 162 -14.76 4.86 22.37
C GLN B 162 -14.21 3.55 21.78
N SER B 163 -15.07 2.76 21.15
CA SER B 163 -14.62 1.54 20.50
C SER B 163 -15.46 1.24 19.26
N GLY B 164 -14.81 1.03 18.12
CA GLY B 164 -15.48 0.67 16.88
C GLY B 164 -15.99 1.82 16.00
N ASN B 165 -15.78 3.08 16.37
CA ASN B 165 -16.30 4.19 15.57
C ASN B 165 -15.23 5.11 14.97
N SER B 166 -14.02 4.59 14.87
CA SER B 166 -12.89 5.37 14.40
C SER B 166 -12.01 4.62 13.45
N GLN B 167 -11.44 5.32 12.48
CA GLN B 167 -10.44 4.74 11.57
C GLN B 167 -9.21 5.64 11.58
N GLU B 168 -8.06 4.98 11.52
CA GLU B 168 -6.74 5.56 11.41
C GLU B 168 -6.21 5.36 10.01
N SER B 169 -5.38 6.30 9.57
CA SER B 169 -4.62 6.16 8.33
C SER B 169 -3.28 6.83 8.57
N VAL B 170 -2.22 6.23 8.02
CA VAL B 170 -0.86 6.68 8.28
C VAL B 170 -0.21 6.98 6.98
N THR B 171 0.54 8.09 6.93
CA THR B 171 1.29 8.44 5.72
C THR B 171 2.53 7.58 5.64
N GLU B 172 2.99 7.38 4.42
CA GLU B 172 4.32 6.83 4.20
C GLU B 172 5.35 7.77 4.78
N GLN B 173 6.53 7.24 5.02
CA GLN B 173 7.64 8.06 5.52
C GLN B 173 7.96 9.27 4.65
N ASP B 174 8.14 10.42 5.30
CA ASP B 174 8.24 11.70 4.65
C ASP B 174 9.62 11.87 3.98
N SER B 175 9.62 12.27 2.71
CA SER B 175 10.85 12.63 1.97
C SER B 175 11.89 13.35 2.81
N LYS B 176 11.48 14.48 3.37
CA LYS B 176 12.40 15.47 3.88
C LYS B 176 12.90 15.18 5.29
N ASP B 177 11.99 14.86 6.20
CA ASP B 177 12.36 14.70 7.63
C ASP B 177 12.29 13.26 8.14
N SER B 178 11.90 12.33 7.28
CA SER B 178 11.75 10.90 7.60
C SER B 178 10.72 10.52 8.67
N THR B 179 9.79 11.44 8.96
CA THR B 179 8.67 11.22 9.91
C THR B 179 7.39 10.60 9.29
N TYR B 180 6.45 10.23 10.16
CA TYR B 180 5.09 9.82 9.81
C TYR B 180 4.05 10.86 10.30
N SER B 181 2.88 10.84 9.68
CA SER B 181 1.70 11.54 10.18
C SER B 181 0.53 10.58 10.14
N LEU B 182 -0.50 10.88 10.93
CA LEU B 182 -1.57 9.92 11.14
C LEU B 182 -2.87 10.66 11.37
N SER B 183 -3.95 10.13 10.83
CA SER B 183 -5.27 10.73 11.01
C SER B 183 -6.08 9.71 11.77
N SER B 184 -6.75 10.13 12.84
CA SER B 184 -7.81 9.32 13.42
C SER B 184 -9.09 10.08 13.28
N THR B 185 -10.07 9.38 12.73
CA THR B 185 -11.38 9.93 12.44
C THR B 185 -12.45 9.19 13.23
N LEU B 186 -13.15 9.95 14.06
CA LEU B 186 -14.25 9.44 14.85
C LEU B 186 -15.52 9.81 14.07
N THR B 187 -16.29 8.80 13.72
CA THR B 187 -17.49 9.01 12.95
C THR B 187 -18.75 8.74 13.80
N LEU B 188 -19.60 9.76 13.92
CA LEU B 188 -20.85 9.66 14.67
C LEU B 188 -21.96 10.17 13.81
N SER B 189 -23.20 9.86 14.22
CA SER B 189 -24.42 10.46 13.66
C SER B 189 -24.59 11.82 14.29
N LYS B 190 -25.26 12.76 13.61
CA LYS B 190 -25.39 14.12 14.17
C LYS B 190 -26.05 14.06 15.54
N ALA B 191 -27.14 13.32 15.63
CA ALA B 191 -27.90 13.18 16.87
C ALA B 191 -27.00 12.69 18.03
N ASP B 192 -26.11 11.74 17.73
CA ASP B 192 -25.16 11.23 18.74
C ASP B 192 -24.24 12.34 19.11
N TYR B 193 -23.68 13.01 18.10
CA TYR B 193 -22.70 14.06 18.34
C TYR B 193 -23.23 15.17 19.26
N GLU B 194 -24.50 15.51 19.08
CA GLU B 194 -25.10 16.64 19.79
C GLU B 194 -25.42 16.33 21.28
N LYS B 195 -25.52 15.04 21.60
CA LYS B 195 -25.85 14.60 22.97
C LYS B 195 -24.72 14.67 23.97
N HIS B 196 -23.50 14.89 23.48
CA HIS B 196 -22.28 14.87 24.31
C HIS B 196 -21.54 16.19 24.17
N LYS B 197 -20.82 16.60 25.21
CA LYS B 197 -20.09 17.86 25.15
C LYS B 197 -18.58 17.71 24.85
N VAL B 198 -17.91 16.77 25.51
CA VAL B 198 -16.43 16.69 25.45
C VAL B 198 -15.92 15.62 24.50
N TYR B 199 -15.08 16.03 23.54
CA TYR B 199 -14.45 15.16 22.56
C TYR B 199 -12.96 15.30 22.77
N ALA B 200 -12.29 14.18 22.99
CA ALA B 200 -10.87 14.19 23.28
C ALA B 200 -10.21 13.06 22.56
N CYS B 201 -9.13 13.41 21.90
CA CYS B 201 -8.23 12.49 21.28
C CYS B 201 -7.01 12.33 22.24
N GLU B 202 -6.75 11.10 22.72
CA GLU B 202 -5.60 10.84 23.58
C GLU B 202 -4.53 10.06 22.84
N VAL B 203 -3.29 10.55 22.91
CA VAL B 203 -2.17 10.02 22.12
C VAL B 203 -1.00 9.49 22.99
N THR B 204 -0.62 8.24 22.76
CA THR B 204 0.54 7.64 23.41
C THR B 204 1.60 7.34 22.39
N HIS B 205 2.79 7.84 22.67
CA HIS B 205 3.88 7.68 21.76
C HIS B 205 5.19 7.78 22.54
N GLN B 206 6.09 6.87 22.16
CA GLN B 206 7.49 6.79 22.58
C GLN B 206 8.22 8.12 22.86
N GLY B 207 8.14 9.04 21.90
CA GLY B 207 8.75 10.39 22.01
C GLY B 207 8.15 11.39 22.98
N LEU B 208 7.07 11.02 23.64
CA LEU B 208 6.41 11.80 24.68
C LEU B 208 6.63 11.12 26.03
N SER B 209 6.71 11.91 27.10
CA SER B 209 6.97 11.36 28.46
C SER B 209 5.70 10.84 29.11
N SER B 210 4.59 11.35 28.64
CA SER B 210 3.28 10.91 29.10
C SER B 210 2.30 11.16 27.97
N PRO B 211 1.08 10.65 28.09
CA PRO B 211 0.18 10.87 26.98
C PRO B 211 -0.35 12.30 26.88
N VAL B 212 -0.51 12.77 25.66
CA VAL B 212 -1.13 14.06 25.42
C VAL B 212 -2.56 13.85 24.94
N THR B 213 -3.43 14.67 25.48
CA THR B 213 -4.86 14.69 25.18
C THR B 213 -5.21 16.05 24.61
N LYS B 214 -5.61 16.07 23.32
CA LYS B 214 -6.22 17.25 22.72
C LYS B 214 -7.69 17.03 22.70
N SER B 215 -8.43 18.11 22.97
CA SER B 215 -9.85 18.07 23.23
C SER B 215 -10.53 19.40 22.95
N PHE B 216 -11.81 19.35 22.67
CA PHE B 216 -12.66 20.52 22.68
C PHE B 216 -14.03 20.23 23.31
N ASN B 217 -14.65 21.31 23.74
CA ASN B 217 -15.97 21.27 24.32
C ASN B 217 -16.89 21.91 23.30
N ARG B 218 -18.08 21.35 23.15
CA ARG B 218 -19.10 21.93 22.28
C ARG B 218 -20.38 22.29 23.05
N ARG C 1 8.22 -32.31 -15.07
CA ARG C 1 8.49 -31.38 -16.22
C ARG C 1 8.65 -29.92 -15.78
N ARG C 2 9.45 -29.74 -14.75
CA ARG C 2 9.48 -28.50 -13.97
C ARG C 2 10.07 -27.30 -14.73
N PHE C 3 9.59 -26.11 -14.43
CA PHE C 3 10.40 -24.92 -14.60
C PHE C 3 11.42 -24.83 -13.45
N TYR C 4 12.65 -24.44 -13.75
CA TYR C 4 13.68 -24.20 -12.73
C TYR C 4 14.04 -22.73 -12.71
N GLY C 5 13.98 -22.18 -11.51
CA GLY C 5 14.48 -20.86 -11.24
C GLY C 5 13.48 -19.96 -10.57
N PRO C 6 13.84 -18.68 -10.46
CA PRO C 6 12.98 -17.64 -9.97
C PRO C 6 11.81 -17.31 -10.87
N VAL C 7 10.66 -17.06 -10.25
CA VAL C 7 9.54 -16.48 -10.95
C VAL C 7 9.91 -15.06 -11.41
#